data_9KGR
#
_entry.id   9KGR
#
_cell.length_a   48.611
_cell.length_b   106.543
_cell.length_c   54.605
_cell.angle_alpha   90.000
_cell.angle_beta   102.339
_cell.angle_gamma   90.000
#
_symmetry.space_group_name_H-M   'P 1 21 1'
#
loop_
_entity.id
_entity.type
_entity.pdbx_description
1 polymer '3C-like proteinase nsp5'
2 polymer (S)-2-((R)-2-cyclopentyl-2-pivalamidoacetamido)-N-((2S,3R)-4-(cyclopropylamino)-3-hydroxy-4-oxo-1-((S)-2-oxopiperidin-3-yl)butan-2-yl)pentanamide
3 non-polymer 'cyclopropylcarbamic acid'
4 water water
#
loop_
_entity_poly.entity_id
_entity_poly.type
_entity_poly.pdbx_seq_one_letter_code
_entity_poly.pdbx_strand_id
1 'polypeptide(L)'
;GPLGSSGFRKMAFPSGKVEGCMVQVTCGTTTLNGLWLDDVVYCPRHVICTSEDMLNPNYEDLLIRKSNHNFLVQAGNVQL
RVIGHSMQNCVLKLKVDTANPKTPKYKFVRIQPGQTFSVLACYNGSPSGVYQCAMRPNFTIKGSFLNGSCGSVGFNIDYD
CVSFCYMHHMELPTGVHAGTDLEGNFYGPFVDRQTAQAAGTDTTITVNVLAWLYAAVINGDRWFLNRFTTTLNDFNLVAM
KYNYEPLTQDHVDILGPLSAQTGIAVLDMCASLKELLQNGMNGRTILGSALLEDEFTPFDVVRQCSGVTFQ
;
A,B
2 'polypeptide(L)' (PIV)(A1EAK)(NVA)(A1L7K) C,D
#
# COMPACT_ATOMS: atom_id res chain seq x y z
N GLY A 4 5.61 11.28 -21.53
CA GLY A 4 5.00 12.42 -20.86
C GLY A 4 4.09 12.04 -19.70
N SER A 5 4.02 10.75 -19.39
CA SER A 5 3.15 10.29 -18.32
C SER A 5 3.83 10.41 -16.96
N SER A 6 3.04 10.22 -15.92
CA SER A 6 3.55 10.21 -14.55
C SER A 6 2.85 9.11 -13.80
N GLY A 7 3.44 8.71 -12.67
CA GLY A 7 2.99 7.53 -11.97
C GLY A 7 1.75 7.79 -11.13
N PHE A 8 0.95 6.74 -10.96
CA PHE A 8 -0.22 6.82 -10.10
C PHE A 8 -0.42 5.45 -9.46
N ARG A 9 -0.41 5.40 -8.13
CA ARG A 9 -0.38 4.13 -7.41
C ARG A 9 -1.48 4.04 -6.37
N LYS A 10 -1.89 2.81 -6.06
CA LYS A 10 -2.74 2.60 -4.90
C LYS A 10 -1.91 2.87 -3.65
N MET A 11 -2.24 3.94 -2.94
CA MET A 11 -1.38 4.51 -1.91
C MET A 11 -2.13 4.49 -0.58
N ALA A 12 -1.55 3.82 0.42
CA ALA A 12 -2.11 3.84 1.77
C ALA A 12 -1.67 5.10 2.50
N PHE A 13 -2.45 5.48 3.51
CA PHE A 13 -2.01 6.55 4.41
C PHE A 13 -0.80 6.08 5.23
N PRO A 14 0.09 7.00 5.60
CA PRO A 14 1.15 6.65 6.55
C PRO A 14 0.51 6.14 7.84
N SER A 15 1.06 5.07 8.37
CA SER A 15 0.39 4.32 9.43
C SER A 15 0.93 4.60 10.83
N GLY A 16 1.93 5.46 10.98
CA GLY A 16 2.57 5.62 12.28
C GLY A 16 1.62 6.02 13.40
N LYS A 17 0.69 6.94 13.11
CA LYS A 17 -0.22 7.42 14.15
C LYS A 17 -1.08 6.28 14.69
N VAL A 18 -1.41 5.31 13.83
CA VAL A 18 -2.23 4.19 14.25
C VAL A 18 -1.40 3.08 14.88
N GLU A 19 -0.18 2.86 14.38
CA GLU A 19 0.69 1.85 14.95
C GLU A 19 0.85 2.08 16.45
N GLY A 20 1.00 3.34 16.85
CA GLY A 20 1.19 3.68 18.25
C GLY A 20 -0.02 3.43 19.12
N CYS A 21 -1.14 3.01 18.53
CA CYS A 21 -2.34 2.70 19.28
C CYS A 21 -2.64 1.20 19.34
N MET A 22 -1.89 0.37 18.63
CA MET A 22 -2.21 -1.06 18.58
C MET A 22 -1.69 -1.79 19.81
N VAL A 23 -2.57 -2.60 20.41
CA VAL A 23 -2.25 -3.43 21.55
C VAL A 23 -2.79 -4.83 21.30
N GLN A 24 -2.38 -5.76 22.14
CA GLN A 24 -2.99 -7.08 22.11
C GLN A 24 -3.85 -7.30 23.33
N VAL A 25 -4.97 -8.00 23.11
CA VAL A 25 -5.93 -8.33 24.14
C VAL A 25 -6.09 -9.83 24.16
N THR A 26 -5.87 -10.44 25.33
CA THR A 26 -5.99 -11.87 25.50
C THR A 26 -7.03 -12.15 26.57
N CYS A 27 -8.00 -12.98 26.24
CA CYS A 27 -9.01 -13.42 27.20
C CYS A 27 -9.09 -14.93 27.06
N GLY A 28 -8.74 -15.65 28.13
CA GLY A 28 -8.60 -17.10 28.02
C GLY A 28 -7.48 -17.49 27.10
N THR A 29 -7.79 -18.25 26.05
CA THR A 29 -6.78 -18.66 25.08
C THR A 29 -6.86 -17.85 23.78
N THR A 30 -7.77 -16.89 23.70
CA THR A 30 -8.01 -16.10 22.49
C THR A 30 -7.24 -14.80 22.60
N THR A 31 -6.39 -14.51 21.61
CA THR A 31 -5.68 -13.24 21.55
C THR A 31 -6.02 -12.52 20.26
N LEU A 32 -6.39 -11.25 20.35
CA LEU A 32 -6.60 -10.47 19.15
C LEU A 32 -6.08 -9.05 19.39
N ASN A 33 -6.33 -8.16 18.44
CA ASN A 33 -5.81 -6.81 18.49
C ASN A 33 -6.83 -5.84 19.08
N GLY A 34 -6.30 -4.83 19.77
CA GLY A 34 -7.12 -3.74 20.27
C GLY A 34 -6.52 -2.40 19.89
N LEU A 35 -7.35 -1.37 20.03
CA LEU A 35 -7.00 0.01 19.70
C LEU A 35 -7.05 0.82 20.97
N TRP A 36 -5.91 1.36 21.38
CA TRP A 36 -5.76 2.04 22.66
C TRP A 36 -5.77 3.54 22.41
N LEU A 37 -6.86 4.19 22.80
CA LEU A 37 -7.01 5.63 22.63
C LEU A 37 -7.30 6.21 24.01
N ASP A 38 -6.45 7.14 24.46
CA ASP A 38 -6.56 7.67 25.84
C ASP A 38 -6.62 6.49 26.81
N ASP A 39 -7.62 6.41 27.70
CA ASP A 39 -7.68 5.38 28.73
C ASP A 39 -8.63 4.23 28.39
N VAL A 40 -8.95 4.02 27.11
CA VAL A 40 -9.82 2.93 26.70
C VAL A 40 -9.17 2.12 25.58
N VAL A 41 -9.29 0.80 25.66
CA VAL A 41 -8.93 -0.13 24.59
C VAL A 41 -10.22 -0.64 23.97
N TYR A 42 -10.33 -0.50 22.65
CA TYR A 42 -11.47 -0.98 21.89
C TYR A 42 -11.05 -2.24 21.15
N CYS A 43 -11.88 -3.28 21.20
CA CYS A 43 -11.55 -4.51 20.49
C CYS A 43 -12.84 -5.26 20.18
N PRO A 44 -12.79 -6.27 19.32
CA PRO A 44 -14.00 -7.05 19.04
C PRO A 44 -14.43 -7.82 20.29
N ARG A 45 -15.74 -7.80 20.54
CA ARG A 45 -16.24 -8.45 21.75
C ARG A 45 -16.07 -9.96 21.72
N HIS A 46 -15.89 -10.57 20.54
CA HIS A 46 -15.72 -12.01 20.49
C HIS A 46 -14.39 -12.50 21.07
N VAL A 47 -13.52 -11.59 21.54
CA VAL A 47 -12.37 -12.02 22.32
C VAL A 47 -12.78 -12.84 23.53
N ILE A 48 -14.01 -12.61 24.04
CA ILE A 48 -14.46 -13.30 25.25
C ILE A 48 -14.98 -14.70 24.98
N CYS A 49 -15.07 -15.13 23.73
CA CYS A 49 -15.71 -16.39 23.38
C CYS A 49 -14.73 -17.52 23.17
N THR A 50 -15.11 -18.71 23.64
CA THR A 50 -14.48 -19.94 23.19
C THR A 50 -15.03 -20.32 21.81
N SER A 51 -14.40 -21.32 21.20
CA SER A 51 -14.90 -21.81 19.91
C SER A 51 -16.33 -22.33 20.04
N GLU A 52 -16.65 -22.96 21.17
CA GLU A 52 -18.02 -23.40 21.41
C GLU A 52 -18.95 -22.22 21.61
N ASP A 53 -18.49 -21.18 22.32
CA ASP A 53 -19.30 -19.99 22.52
C ASP A 53 -19.70 -19.37 21.19
N MET A 54 -18.76 -19.34 20.23
CA MET A 54 -19.00 -18.66 18.96
C MET A 54 -20.13 -19.28 18.16
N LEU A 55 -20.50 -20.53 18.46
CA LEU A 55 -21.60 -21.14 17.73
C LEU A 55 -22.93 -20.50 18.07
N ASN A 56 -23.07 -19.97 19.28
CA ASN A 56 -24.33 -19.37 19.71
C ASN A 56 -24.07 -18.49 20.92
N PRO A 57 -23.40 -17.35 20.73
CA PRO A 57 -22.91 -16.58 21.88
C PRO A 57 -24.03 -15.76 22.50
N ASN A 58 -24.11 -15.79 23.82
CA ASN A 58 -24.93 -14.85 24.59
C ASN A 58 -23.95 -13.80 25.11
N TYR A 59 -23.74 -12.74 24.34
CA TYR A 59 -22.65 -11.83 24.68
C TYR A 59 -22.86 -11.12 26.00
N GLU A 60 -24.11 -10.72 26.32
CA GLU A 60 -24.35 -10.03 27.57
C GLU A 60 -24.01 -10.93 28.75
N ASP A 61 -24.39 -12.21 28.66
CA ASP A 61 -24.06 -13.15 29.72
C ASP A 61 -22.58 -13.47 29.78
N LEU A 62 -21.93 -13.65 28.62
CA LEU A 62 -20.51 -13.98 28.63
C LEU A 62 -19.69 -12.82 29.16
N LEU A 63 -20.11 -11.58 28.89
CA LEU A 63 -19.33 -10.44 29.34
C LEU A 63 -19.39 -10.27 30.85
N ILE A 64 -20.58 -10.44 31.43
CA ILE A 64 -20.73 -10.23 32.86
C ILE A 64 -20.04 -11.32 33.66
N ARG A 65 -19.84 -12.49 33.04
CA ARG A 65 -19.08 -13.58 33.65
C ARG A 65 -17.58 -13.30 33.68
N LYS A 66 -17.09 -12.38 32.85
CA LYS A 66 -15.67 -12.07 32.86
C LYS A 66 -15.37 -11.06 33.96
N SER A 67 -14.19 -11.19 34.56
CA SER A 67 -13.67 -10.17 35.45
C SER A 67 -12.69 -9.29 34.68
N ASN A 68 -12.34 -8.15 35.27
CA ASN A 68 -11.30 -7.33 34.68
C ASN A 68 -9.98 -8.09 34.56
N HIS A 69 -9.67 -8.95 35.54
CA HIS A 69 -8.43 -9.71 35.49
C HIS A 69 -8.40 -10.72 34.34
N ASN A 70 -9.56 -11.15 33.85
CA ASN A 70 -9.62 -12.07 32.72
C ASN A 70 -9.06 -11.45 31.45
N PHE A 71 -8.91 -10.13 31.39
CA PHE A 71 -8.39 -9.44 30.20
C PHE A 71 -6.93 -9.09 30.42
N LEU A 72 -6.05 -9.72 29.64
CA LEU A 72 -4.63 -9.36 29.61
C LEU A 72 -4.40 -8.45 28.42
N VAL A 73 -4.05 -7.19 28.68
CA VAL A 73 -3.82 -6.20 27.63
C VAL A 73 -2.36 -5.80 27.67
N GLN A 74 -1.69 -5.90 26.52
CA GLN A 74 -0.27 -5.57 26.44
C GLN A 74 -0.05 -4.60 25.30
N ALA A 75 0.63 -3.50 25.61
CA ALA A 75 1.06 -2.51 24.63
C ALA A 75 2.57 -2.68 24.53
N GLY A 76 3.03 -3.28 23.44
CA GLY A 76 4.43 -3.66 23.39
C GLY A 76 4.73 -4.62 24.52
N ASN A 77 5.73 -4.28 25.34
CA ASN A 77 6.08 -5.12 26.47
C ASN A 77 5.49 -4.62 27.79
N VAL A 78 4.62 -3.61 27.75
CA VAL A 78 4.02 -3.05 28.94
C VAL A 78 2.62 -3.63 29.10
N GLN A 79 2.37 -4.27 30.24
CA GLN A 79 1.03 -4.74 30.56
C GLN A 79 0.18 -3.57 31.04
N LEU A 80 -1.00 -3.40 30.43
CA LEU A 80 -1.97 -2.43 30.88
C LEU A 80 -2.99 -3.13 31.77
N ARG A 81 -3.44 -2.44 32.81
CA ARG A 81 -4.36 -3.02 33.78
C ARG A 81 -5.79 -2.57 33.45
N VAL A 82 -6.67 -3.54 33.23
CA VAL A 82 -8.07 -3.25 32.94
C VAL A 82 -8.80 -2.96 34.25
N ILE A 83 -9.53 -1.85 34.28
CA ILE A 83 -10.30 -1.45 35.46
C ILE A 83 -11.80 -1.41 35.21
N GLY A 84 -12.25 -1.75 34.01
CA GLY A 84 -13.66 -1.82 33.71
C GLY A 84 -13.85 -2.42 32.33
N HIS A 85 -14.96 -3.13 32.12
CA HIS A 85 -15.25 -3.72 30.82
C HIS A 85 -16.72 -3.57 30.49
N SER A 86 -17.00 -2.98 29.33
CA SER A 86 -18.37 -2.78 28.87
C SER A 86 -18.41 -3.07 27.38
N MET A 87 -19.61 -3.04 26.84
CA MET A 87 -19.84 -3.45 25.48
C MET A 87 -20.64 -2.36 24.79
N GLN A 88 -20.26 -2.01 23.57
CA GLN A 88 -21.07 -1.15 22.71
C GLN A 88 -21.27 -1.93 21.42
N ASN A 89 -22.47 -2.48 21.26
CA ASN A 89 -22.75 -3.32 20.11
C ASN A 89 -21.70 -4.42 20.03
N CYS A 90 -20.96 -4.53 18.92
CA CYS A 90 -20.00 -5.62 18.77
C CYS A 90 -18.59 -5.27 19.22
N VAL A 91 -18.38 -4.11 19.83
CA VAL A 91 -17.07 -3.65 20.29
C VAL A 91 -17.03 -3.67 21.82
N LEU A 92 -15.97 -4.25 22.36
CA LEU A 92 -15.67 -4.19 23.78
C LEU A 92 -14.91 -2.91 24.08
N LYS A 93 -15.25 -2.25 25.18
CA LYS A 93 -14.49 -1.12 25.68
C LYS A 93 -13.85 -1.53 27.00
N LEU A 94 -12.53 -1.63 27.01
CA LEU A 94 -11.78 -1.95 28.23
C LEU A 94 -11.17 -0.66 28.76
N LYS A 95 -11.70 -0.18 29.88
CA LYS A 95 -11.09 0.97 30.53
C LYS A 95 -9.81 0.50 31.20
N VAL A 96 -8.71 1.23 30.97
CA VAL A 96 -7.41 0.88 31.53
C VAL A 96 -6.92 2.01 32.43
N ASP A 97 -5.99 1.68 33.33
CA ASP A 97 -5.59 2.68 34.32
C ASP A 97 -4.48 3.59 33.83
N THR A 98 -4.07 3.48 32.57
CA THR A 98 -3.11 4.41 32.00
C THR A 98 -3.62 4.87 30.64
N ALA A 99 -3.26 6.10 30.29
CA ALA A 99 -3.69 6.70 29.04
C ALA A 99 -2.56 6.62 28.01
N ASN A 100 -2.94 6.36 26.76
CA ASN A 100 -1.95 6.28 25.70
C ASN A 100 -1.37 7.66 25.42
N PRO A 101 -0.08 7.90 25.67
CA PRO A 101 0.49 9.22 25.42
C PRO A 101 0.62 9.55 23.95
N LYS A 102 0.40 8.58 23.06
CA LYS A 102 0.52 8.76 21.62
C LYS A 102 -0.84 8.71 20.95
N THR A 103 -1.89 9.06 21.68
CA THR A 103 -3.23 9.10 21.09
C THR A 103 -3.30 10.24 20.09
N PRO A 104 -3.58 9.97 18.82
CA PRO A 104 -3.78 11.05 17.86
C PRO A 104 -5.15 11.69 18.07
N LYS A 105 -5.27 12.92 17.61
CA LYS A 105 -6.59 13.49 17.42
C LYS A 105 -7.36 12.54 16.51
N TYR A 106 -8.58 12.17 16.94
CA TYR A 106 -9.28 11.10 16.23
C TYR A 106 -10.78 11.34 16.26
N LYS A 107 -11.47 10.64 15.35
CA LYS A 107 -12.91 10.55 15.30
C LYS A 107 -13.26 9.12 14.92
N PHE A 108 -14.42 8.67 15.34
CA PHE A 108 -15.01 7.43 14.84
C PHE A 108 -16.04 7.82 13.80
N VAL A 109 -15.88 7.32 12.58
CA VAL A 109 -16.80 7.65 11.50
C VAL A 109 -17.33 6.37 10.87
N ARG A 110 -18.52 6.46 10.30
CA ARG A 110 -19.09 5.35 9.55
C ARG A 110 -19.03 5.71 8.07
N ILE A 111 -18.29 4.94 7.30
CA ILE A 111 -18.17 5.28 5.88
C ILE A 111 -19.30 4.68 5.07
N GLN A 112 -19.43 5.14 3.84
CA GLN A 112 -20.44 4.71 2.90
C GLN A 112 -19.82 3.77 1.88
N PRO A 113 -20.62 2.87 1.31
CA PRO A 113 -20.12 2.03 0.22
C PRO A 113 -19.53 2.88 -0.89
N GLY A 114 -18.42 2.41 -1.43
CA GLY A 114 -17.68 3.12 -2.43
C GLY A 114 -16.53 3.92 -1.86
N GLN A 115 -16.57 4.25 -0.58
CA GLN A 115 -15.47 5.02 -0.01
C GLN A 115 -14.31 4.09 0.39
N THR A 116 -13.11 4.66 0.41
CA THR A 116 -11.90 3.90 0.65
C THR A 116 -11.30 4.25 2.02
N PHE A 117 -10.40 3.37 2.46
CA PHE A 117 -9.67 3.58 3.71
C PHE A 117 -8.42 2.72 3.69
N SER A 118 -7.50 3.03 4.60
CA SER A 118 -6.30 2.21 4.74
C SER A 118 -6.49 1.22 5.87
N VAL A 119 -6.01 0.00 5.67
CA VAL A 119 -6.05 -1.05 6.68
C VAL A 119 -4.64 -1.25 7.23
N LEU A 120 -4.51 -1.22 8.55
CA LEU A 120 -3.27 -1.63 9.22
C LEU A 120 -3.47 -3.05 9.73
N ALA A 121 -3.00 -4.03 8.97
CA ALA A 121 -3.14 -5.42 9.38
C ALA A 121 -2.17 -5.71 10.51
N CYS A 122 -2.70 -6.28 11.60
CA CYS A 122 -1.94 -6.56 12.81
C CYS A 122 -2.18 -7.97 13.32
N TYR A 123 -1.16 -8.50 13.99
CA TYR A 123 -1.23 -9.80 14.65
C TYR A 123 -0.57 -9.69 16.01
N ASN A 124 -1.25 -10.18 17.03
CA ASN A 124 -0.73 -10.12 18.40
C ASN A 124 -0.34 -8.69 18.79
N GLY A 125 -1.09 -7.72 18.29
CA GLY A 125 -0.89 -6.35 18.64
C GLY A 125 0.23 -5.65 17.89
N SER A 126 0.87 -6.34 16.94
CA SER A 126 2.01 -5.81 16.21
C SER A 126 1.66 -5.63 14.73
N PRO A 127 1.91 -4.46 14.17
CA PRO A 127 1.51 -4.21 12.78
C PRO A 127 2.35 -5.00 11.80
N SER A 128 1.69 -5.58 10.80
CA SER A 128 2.39 -6.34 9.78
C SER A 128 2.42 -5.67 8.42
N GLY A 129 1.38 -4.94 8.05
CA GLY A 129 1.38 -4.30 6.73
C GLY A 129 0.22 -3.34 6.60
N VAL A 130 0.27 -2.55 5.54
CA VAL A 130 -0.73 -1.50 5.31
C VAL A 130 -1.12 -1.49 3.84
N TYR A 131 -2.41 -1.33 3.57
CA TYR A 131 -2.93 -1.29 2.21
C TYR A 131 -4.27 -0.58 2.18
N GLN A 132 -4.65 -0.10 0.99
CA GLN A 132 -5.96 0.55 0.78
C GLN A 132 -7.06 -0.47 0.46
N CYS A 133 -8.26 -0.22 0.98
CA CYS A 133 -9.47 -0.97 0.64
C CYS A 133 -10.60 -0.01 0.32
N ALA A 134 -11.56 -0.48 -0.48
CA ALA A 134 -12.85 0.18 -0.64
C ALA A 134 -13.93 -0.64 0.05
N MET A 135 -14.87 0.05 0.70
CA MET A 135 -16.14 -0.57 1.08
C MET A 135 -16.91 -0.92 -0.18
N ARG A 136 -17.09 -2.22 -0.45
CA ARG A 136 -17.80 -2.63 -1.65
C ARG A 136 -19.29 -2.34 -1.51
N PRO A 137 -20.01 -2.29 -2.63
CA PRO A 137 -21.46 -2.07 -2.53
C PRO A 137 -22.18 -3.13 -1.72
N ASN A 138 -21.64 -4.35 -1.65
CA ASN A 138 -22.22 -5.41 -0.81
C ASN A 138 -21.67 -5.40 0.62
N PHE A 139 -20.97 -4.32 1.04
CA PHE A 139 -20.56 -4.12 2.43
C PHE A 139 -19.49 -5.10 2.89
N THR A 140 -18.71 -5.63 1.97
CA THR A 140 -17.50 -6.39 2.28
C THR A 140 -16.31 -5.59 1.79
N ILE A 141 -15.12 -6.02 2.22
CA ILE A 141 -13.89 -5.46 1.68
C ILE A 141 -13.02 -6.59 1.15
N LYS A 142 -12.21 -6.27 0.14
CA LYS A 142 -11.28 -7.23 -0.43
C LYS A 142 -9.92 -7.00 0.21
N GLY A 143 -9.73 -7.60 1.39
CA GLY A 143 -8.54 -7.39 2.18
C GLY A 143 -7.61 -8.59 2.17
N SER A 144 -6.70 -8.60 3.11
CA SER A 144 -5.80 -9.73 3.33
C SER A 144 -5.70 -9.87 4.85
N PHE A 145 -6.41 -10.85 5.40
CA PHE A 145 -6.54 -10.99 6.84
C PHE A 145 -6.42 -12.47 7.16
N LEU A 146 -5.49 -12.83 8.04
CA LEU A 146 -5.33 -14.21 8.49
C LEU A 146 -5.91 -14.35 9.90
N ASN A 147 -5.92 -15.57 10.40
CA ASN A 147 -6.28 -15.78 11.80
C ASN A 147 -5.36 -14.95 12.69
N GLY A 148 -5.95 -14.26 13.66
CA GLY A 148 -5.22 -13.33 14.50
C GLY A 148 -5.36 -11.88 14.11
N SER A 149 -5.92 -11.59 12.93
CA SER A 149 -6.04 -10.21 12.47
C SER A 149 -7.24 -9.49 13.05
N CYS A 150 -8.16 -10.18 13.73
CA CYS A 150 -9.33 -9.50 14.26
C CYS A 150 -8.92 -8.36 15.17
N GLY A 151 -9.67 -7.24 15.07
CA GLY A 151 -9.32 -6.05 15.78
C GLY A 151 -8.42 -5.09 15.02
N SER A 152 -7.83 -5.53 13.91
CA SER A 152 -7.13 -4.60 13.01
C SER A 152 -8.11 -3.55 12.55
N VAL A 153 -7.62 -2.34 12.33
CA VAL A 153 -8.51 -1.23 12.03
C VAL A 153 -8.23 -0.63 10.65
N GLY A 154 -9.27 0.02 10.13
CA GLY A 154 -9.19 0.82 8.93
C GLY A 154 -9.42 2.29 9.26
N PHE A 155 -8.77 3.16 8.50
CA PHE A 155 -8.80 4.57 8.86
C PHE A 155 -8.53 5.43 7.63
N ASN A 156 -8.88 6.71 7.76
CA ASN A 156 -8.43 7.77 6.88
C ASN A 156 -7.76 8.83 7.74
N ILE A 157 -6.89 9.63 7.14
CA ILE A 157 -6.38 10.81 7.83
C ILE A 157 -6.98 12.02 7.11
N ASP A 158 -7.74 12.81 7.85
CA ASP A 158 -8.54 13.90 7.28
C ASP A 158 -8.00 15.17 7.91
N TYR A 159 -7.16 15.89 7.16
CA TYR A 159 -6.46 17.06 7.67
C TYR A 159 -5.57 16.72 8.87
N ASP A 160 -6.06 16.97 10.08
CA ASP A 160 -5.26 16.82 11.30
C ASP A 160 -5.76 15.69 12.19
N CYS A 161 -6.60 14.81 11.67
CA CYS A 161 -7.39 13.92 12.51
C CYS A 161 -7.41 12.53 11.89
N VAL A 162 -7.23 11.50 12.71
CA VAL A 162 -7.36 10.12 12.25
C VAL A 162 -8.82 9.73 12.40
N SER A 163 -9.46 9.38 11.30
CA SER A 163 -10.86 8.97 11.32
C SER A 163 -10.92 7.46 11.18
N PHE A 164 -11.18 6.77 12.30
CA PHE A 164 -11.26 5.33 12.29
C PHE A 164 -12.64 4.90 11.78
N CYS A 165 -12.67 4.01 10.80
CA CYS A 165 -13.95 3.62 10.22
C CYS A 165 -14.21 2.12 10.18
N TYR A 166 -13.23 1.28 10.52
CA TYR A 166 -13.43 -0.15 10.34
C TYR A 166 -12.63 -0.89 11.39
N MET A 167 -13.24 -1.95 11.94
CA MET A 167 -12.52 -2.87 12.79
C MET A 167 -12.84 -4.28 12.30
N HIS A 168 -11.81 -5.10 12.12
CA HIS A 168 -11.96 -6.36 11.40
C HIS A 168 -12.54 -7.47 12.26
N HIS A 169 -13.49 -8.22 11.70
CA HIS A 169 -14.11 -9.32 12.43
C HIS A 169 -14.12 -10.68 11.73
N MET A 170 -14.24 -10.74 10.39
CA MET A 170 -14.49 -12.05 9.80
C MET A 170 -14.06 -12.13 8.35
N GLU A 171 -13.85 -13.38 7.90
CA GLU A 171 -13.61 -13.71 6.50
C GLU A 171 -14.73 -14.62 6.04
N LEU A 172 -15.44 -14.21 4.99
CA LEU A 172 -16.53 -15.00 4.45
C LEU A 172 -15.99 -16.12 3.57
N PRO A 173 -16.80 -17.12 3.25
CA PRO A 173 -16.28 -18.27 2.49
C PRO A 173 -15.75 -17.93 1.11
N THR A 174 -16.11 -16.79 0.52
CA THR A 174 -15.55 -16.35 -0.76
C THR A 174 -14.26 -15.55 -0.62
N GLY A 175 -13.71 -15.46 0.58
CA GLY A 175 -12.42 -14.81 0.71
C GLY A 175 -12.47 -13.30 0.78
N VAL A 176 -13.65 -12.73 1.03
CA VAL A 176 -13.79 -11.31 1.30
C VAL A 176 -14.08 -11.13 2.79
N HIS A 177 -14.02 -9.89 3.25
CA HIS A 177 -13.93 -9.62 4.67
C HIS A 177 -15.04 -8.69 5.14
N ALA A 178 -15.42 -8.84 6.40
CA ALA A 178 -16.47 -8.03 6.98
C ALA A 178 -16.10 -7.60 8.38
N GLY A 179 -16.66 -6.47 8.79
CA GLY A 179 -16.33 -5.90 10.07
C GLY A 179 -17.29 -4.79 10.44
N THR A 180 -16.93 -4.07 11.50
CA THR A 180 -17.79 -3.07 12.09
C THR A 180 -17.14 -1.69 12.00
N ASP A 181 -17.95 -0.66 12.28
CA ASP A 181 -17.36 0.62 12.63
C ASP A 181 -16.86 0.57 14.07
N LEU A 182 -16.31 1.68 14.55
CA LEU A 182 -15.74 1.69 15.90
C LEU A 182 -16.80 1.86 16.98
N GLU A 183 -18.06 2.06 16.59
CA GLU A 183 -19.21 1.94 17.48
C GLU A 183 -19.74 0.51 17.55
N GLY A 184 -19.12 -0.41 16.84
CA GLY A 184 -19.47 -1.80 16.93
C GLY A 184 -20.64 -2.24 16.08
N ASN A 185 -21.05 -1.43 15.10
CA ASN A 185 -22.15 -1.80 14.21
C ASN A 185 -21.56 -2.33 12.91
N PHE A 186 -21.98 -3.54 12.53
CA PHE A 186 -21.47 -4.12 11.30
C PHE A 186 -21.84 -3.27 10.09
N TYR A 187 -20.93 -3.25 9.13
CA TYR A 187 -21.28 -2.89 7.77
C TYR A 187 -21.91 -4.12 7.14
N GLY A 188 -23.11 -3.96 6.59
CA GLY A 188 -23.79 -5.06 5.96
C GLY A 188 -24.55 -5.89 6.98
N PRO A 189 -25.19 -6.95 6.50
CA PRO A 189 -26.09 -7.75 7.33
C PRO A 189 -25.37 -8.91 8.00
N PHE A 190 -24.21 -8.65 8.54
CA PHE A 190 -23.40 -9.69 9.15
C PHE A 190 -23.49 -9.61 10.68
N VAL A 191 -23.15 -10.73 11.32
CA VAL A 191 -23.24 -10.89 12.76
C VAL A 191 -21.99 -11.60 13.25
N ASP A 192 -21.56 -11.27 14.48
CA ASP A 192 -20.31 -11.84 15.02
C ASP A 192 -20.59 -13.18 15.72
N ARG A 193 -20.91 -14.17 14.89
CA ARG A 193 -21.11 -15.53 15.37
C ARG A 193 -20.85 -16.47 14.21
N GLN A 194 -20.55 -17.73 14.55
CA GLN A 194 -20.25 -18.75 13.53
C GLN A 194 -21.56 -19.37 13.02
N THR A 195 -22.30 -18.55 12.26
CA THR A 195 -23.51 -18.97 11.58
C THR A 195 -23.34 -18.68 10.11
N ALA A 196 -24.16 -19.32 9.28
CA ALA A 196 -23.98 -19.25 7.84
C ALA A 196 -24.25 -17.83 7.36
N GLN A 197 -23.24 -17.20 6.77
CA GLN A 197 -23.42 -15.91 6.15
C GLN A 197 -22.53 -15.85 4.91
N ALA A 198 -23.00 -15.11 3.92
CA ALA A 198 -22.37 -15.07 2.62
C ALA A 198 -22.43 -13.65 2.09
N ALA A 199 -21.42 -13.29 1.30
CA ALA A 199 -21.42 -12.01 0.61
C ALA A 199 -22.52 -12.00 -0.44
N GLY A 200 -23.28 -10.92 -0.51
CA GLY A 200 -24.21 -10.72 -1.59
C GLY A 200 -23.49 -10.46 -2.90
N THR A 201 -24.26 -10.35 -3.98
CA THR A 201 -23.66 -10.04 -5.27
C THR A 201 -23.11 -8.63 -5.25
N ASP A 202 -21.92 -8.47 -5.81
CA ASP A 202 -21.27 -7.17 -5.82
C ASP A 202 -21.45 -6.52 -7.18
N THR A 203 -21.15 -5.22 -7.22
CA THR A 203 -21.22 -4.44 -8.45
C THR A 203 -19.99 -3.55 -8.49
N THR A 204 -19.71 -3.02 -9.67
CA THR A 204 -18.56 -2.14 -9.87
C THR A 204 -18.93 -0.70 -9.51
N ILE A 205 -18.03 -0.03 -8.80
CA ILE A 205 -18.28 1.33 -8.30
C ILE A 205 -17.98 2.34 -9.41
N THR A 206 -19.03 2.71 -10.16
CA THR A 206 -18.88 3.50 -11.38
C THR A 206 -18.18 4.82 -11.14
N VAL A 207 -18.59 5.55 -10.10
CA VAL A 207 -17.99 6.86 -9.83
C VAL A 207 -16.49 6.74 -9.63
N ASN A 208 -16.03 5.63 -9.04
CA ASN A 208 -14.60 5.44 -8.82
C ASN A 208 -13.89 5.08 -10.12
N VAL A 209 -14.53 4.29 -10.99
CA VAL A 209 -13.91 4.02 -12.29
C VAL A 209 -13.71 5.32 -13.04
N LEU A 210 -14.72 6.20 -13.02
CA LEU A 210 -14.58 7.50 -13.67
C LEU A 210 -13.46 8.33 -13.05
N ALA A 211 -13.36 8.33 -11.70
CA ALA A 211 -12.27 9.08 -11.07
C ALA A 211 -10.91 8.56 -11.52
N TRP A 212 -10.78 7.25 -11.64
CA TRP A 212 -9.52 6.66 -12.06
C TRP A 212 -9.22 6.98 -13.52
N LEU A 213 -10.24 7.05 -14.38
CA LEU A 213 -10.00 7.50 -15.75
C LEU A 213 -9.51 8.94 -15.76
N TYR A 214 -10.04 9.79 -14.88
CA TYR A 214 -9.53 11.15 -14.78
C TYR A 214 -8.08 11.14 -14.27
N ALA A 215 -7.77 10.26 -13.31
CA ALA A 215 -6.39 10.14 -12.85
C ALA A 215 -5.46 9.79 -14.00
N ALA A 216 -5.92 8.92 -14.90
CA ALA A 216 -5.10 8.55 -16.05
C ALA A 216 -4.85 9.73 -16.96
N VAL A 217 -5.90 10.55 -17.21
CA VAL A 217 -5.73 11.71 -18.06
C VAL A 217 -4.79 12.72 -17.41
N ILE A 218 -4.99 13.01 -16.11
CA ILE A 218 -4.14 13.94 -15.40
C ILE A 218 -2.68 13.51 -15.49
N ASN A 219 -2.44 12.20 -15.46
CA ASN A 219 -1.09 11.63 -15.47
C ASN A 219 -0.63 11.23 -16.86
N GLY A 220 -1.28 11.72 -17.90
CA GLY A 220 -0.77 11.61 -19.26
C GLY A 220 -0.92 10.26 -19.91
N ASP A 221 -1.93 9.48 -19.55
CA ASP A 221 -2.22 8.18 -20.14
C ASP A 221 -3.66 8.30 -20.62
N ARG A 222 -3.85 8.82 -21.84
CA ARG A 222 -5.17 9.27 -22.28
C ARG A 222 -5.59 8.66 -23.63
N TRP A 223 -5.03 7.51 -24.00
CA TRP A 223 -5.32 6.93 -25.31
C TRP A 223 -6.80 6.64 -25.52
N PHE A 224 -7.55 6.41 -24.44
CA PHE A 224 -8.94 5.96 -24.52
C PHE A 224 -9.94 7.10 -24.71
N LEU A 225 -9.50 8.36 -24.64
CA LEU A 225 -10.45 9.45 -24.78
C LEU A 225 -10.99 9.51 -26.21
N ASN A 226 -12.30 9.69 -26.32
CA ASN A 226 -12.92 9.90 -27.62
C ASN A 226 -13.51 11.29 -27.70
N ARG A 227 -14.04 11.63 -28.87
CA ARG A 227 -14.60 12.95 -29.10
C ARG A 227 -16.09 13.02 -28.83
N PHE A 228 -16.68 11.98 -28.24
CA PHE A 228 -18.11 11.94 -28.06
C PHE A 228 -18.53 12.36 -26.66
N THR A 229 -19.84 12.56 -26.51
CA THR A 229 -20.45 12.79 -25.22
C THR A 229 -21.77 12.05 -25.18
N THR A 230 -22.30 11.86 -23.97
CA THR A 230 -23.52 11.11 -23.78
C THR A 230 -24.39 11.80 -22.74
N THR A 231 -25.51 11.18 -22.39
CA THR A 231 -26.34 11.61 -21.28
C THR A 231 -26.24 10.61 -20.14
N LEU A 232 -26.72 11.05 -18.98
CA LEU A 232 -26.70 10.19 -17.81
C LEU A 232 -27.56 8.95 -18.03
N ASN A 233 -28.77 9.13 -18.57
CA ASN A 233 -29.64 7.98 -18.81
C ASN A 233 -29.06 7.03 -19.85
N ASP A 234 -28.49 7.56 -20.93
CA ASP A 234 -27.91 6.68 -21.93
C ASP A 234 -26.71 5.94 -21.36
N PHE A 235 -25.90 6.60 -20.54
CA PHE A 235 -24.77 5.90 -19.95
C PHE A 235 -25.26 4.79 -19.03
N ASN A 236 -26.30 5.07 -18.24
CA ASN A 236 -26.80 4.07 -17.30
C ASN A 236 -27.41 2.86 -18.00
N LEU A 237 -27.93 3.05 -19.22
CA LEU A 237 -28.39 1.90 -19.99
C LEU A 237 -27.23 0.93 -20.21
N VAL A 238 -26.04 1.47 -20.47
CA VAL A 238 -24.86 0.65 -20.70
C VAL A 238 -24.35 0.10 -19.37
N ALA A 239 -24.34 0.94 -18.33
CA ALA A 239 -23.84 0.50 -17.03
C ALA A 239 -24.58 -0.74 -16.55
N MET A 240 -25.90 -0.78 -16.79
CA MET A 240 -26.72 -1.89 -16.32
C MET A 240 -26.34 -3.21 -16.99
N LYS A 241 -25.82 -3.17 -18.22
CA LYS A 241 -25.44 -4.39 -18.91
C LYS A 241 -24.11 -4.96 -18.45
N TYR A 242 -23.31 -4.17 -17.71
CA TYR A 242 -21.96 -4.58 -17.33
C TYR A 242 -21.79 -4.67 -15.82
N ASN A 243 -22.90 -4.70 -15.08
CA ASN A 243 -22.88 -4.82 -13.63
C ASN A 243 -22.16 -3.64 -12.97
N TYR A 244 -22.39 -2.44 -13.50
CA TYR A 244 -21.92 -1.19 -12.91
C TYR A 244 -23.08 -0.52 -12.16
N GLU A 245 -22.76 0.11 -11.04
CA GLU A 245 -23.76 0.87 -10.30
C GLU A 245 -24.31 2.00 -11.17
N PRO A 246 -25.60 2.32 -11.06
CA PRO A 246 -26.11 3.50 -11.77
C PRO A 246 -25.35 4.74 -11.34
N LEU A 247 -25.04 5.60 -12.31
CA LEU A 247 -24.40 6.86 -12.00
C LEU A 247 -25.48 7.87 -11.64
N THR A 248 -25.32 8.55 -10.51
CA THR A 248 -26.29 9.52 -10.05
C THR A 248 -25.74 10.94 -10.23
N GLN A 249 -26.63 11.92 -10.09
CA GLN A 249 -26.19 13.31 -10.10
C GLN A 249 -25.20 13.62 -8.98
N ASP A 250 -25.41 13.04 -7.79
CA ASP A 250 -24.45 13.25 -6.71
C ASP A 250 -23.06 12.78 -7.11
N HIS A 251 -22.98 11.66 -7.84
CA HIS A 251 -21.69 11.17 -8.33
C HIS A 251 -21.10 12.13 -9.36
N VAL A 252 -21.92 12.61 -10.29
CA VAL A 252 -21.45 13.60 -11.25
C VAL A 252 -20.87 14.81 -10.52
N ASP A 253 -21.53 15.24 -9.45
CA ASP A 253 -21.08 16.40 -8.68
C ASP A 253 -19.72 16.15 -8.03
N ILE A 254 -19.51 14.97 -7.44
CA ILE A 254 -18.26 14.74 -6.72
C ILE A 254 -17.09 14.59 -7.69
N LEU A 255 -17.37 14.30 -8.97
CA LEU A 255 -16.32 14.27 -9.98
C LEU A 255 -15.96 15.65 -10.48
N GLY A 256 -16.71 16.67 -10.06
CA GLY A 256 -16.50 18.05 -10.47
C GLY A 256 -15.08 18.56 -10.46
N PRO A 257 -14.36 18.36 -9.35
CA PRO A 257 -12.96 18.84 -9.30
C PRO A 257 -12.05 18.20 -10.35
N LEU A 258 -12.28 16.95 -10.71
CA LEU A 258 -11.44 16.31 -11.72
C LEU A 258 -11.82 16.78 -13.12
N SER A 259 -13.12 16.98 -13.35
CA SER A 259 -13.58 17.63 -14.56
C SER A 259 -12.99 19.03 -14.69
N ALA A 260 -12.88 19.75 -13.57
CA ALA A 260 -12.36 21.12 -13.61
C ALA A 260 -10.89 21.15 -14.03
N GLN A 261 -10.08 20.26 -13.46
CA GLN A 261 -8.65 20.25 -13.71
C GLN A 261 -8.32 19.81 -15.14
N THR A 262 -9.12 18.90 -15.71
CA THR A 262 -8.82 18.39 -17.04
C THR A 262 -9.55 19.13 -18.15
N GLY A 263 -10.59 19.90 -17.81
CA GLY A 263 -11.44 20.48 -18.84
C GLY A 263 -12.31 19.48 -19.59
N ILE A 264 -12.43 18.24 -19.09
CA ILE A 264 -13.23 17.19 -19.72
C ILE A 264 -14.49 17.01 -18.88
N ALA A 265 -15.65 17.24 -19.49
CA ALA A 265 -16.89 17.14 -18.74
C ALA A 265 -17.14 15.68 -18.36
N VAL A 266 -17.85 15.49 -17.24
CA VAL A 266 -18.12 14.14 -16.75
C VAL A 266 -18.82 13.28 -17.79
N LEU A 267 -19.82 13.85 -18.49
CA LEU A 267 -20.54 13.04 -19.47
C LEU A 267 -19.70 12.79 -20.72
N ASP A 268 -18.66 13.58 -20.96
CA ASP A 268 -17.68 13.20 -21.98
C ASP A 268 -16.89 11.97 -21.52
N MET A 269 -16.43 11.97 -20.27
CA MET A 269 -15.71 10.80 -19.77
C MET A 269 -16.61 9.57 -19.76
N CYS A 270 -17.91 9.76 -19.47
CA CYS A 270 -18.85 8.65 -19.54
C CYS A 270 -18.87 8.04 -20.92
N ALA A 271 -18.79 8.88 -21.96
CA ALA A 271 -18.75 8.34 -23.32
C ALA A 271 -17.48 7.53 -23.57
N SER A 272 -16.36 7.92 -22.98
CA SER A 272 -15.15 7.12 -23.12
C SER A 272 -15.28 5.80 -22.36
N LEU A 273 -15.86 5.84 -21.15
CA LEU A 273 -16.08 4.62 -20.38
C LEU A 273 -17.03 3.68 -21.12
N LYS A 274 -18.10 4.24 -21.69
CA LYS A 274 -19.03 3.42 -22.47
C LYS A 274 -18.31 2.67 -23.59
N GLU A 275 -17.40 3.33 -24.31
CA GLU A 275 -16.68 2.64 -25.39
C GLU A 275 -15.74 1.57 -24.83
N LEU A 276 -15.08 1.84 -23.69
CA LEU A 276 -14.25 0.82 -23.08
C LEU A 276 -15.06 -0.42 -22.67
N LEU A 277 -16.25 -0.22 -22.12
CA LEU A 277 -17.07 -1.35 -21.72
C LEU A 277 -17.57 -2.14 -22.92
N GLN A 278 -17.96 -1.44 -23.99
CA GLN A 278 -18.57 -2.11 -25.13
C GLN A 278 -17.55 -2.76 -26.04
N ASN A 279 -16.34 -2.19 -26.14
CA ASN A 279 -15.34 -2.67 -27.10
C ASN A 279 -14.08 -3.24 -26.48
N GLY A 280 -13.84 -3.06 -25.18
CA GLY A 280 -12.67 -3.62 -24.54
C GLY A 280 -11.52 -2.65 -24.49
N MET A 281 -10.41 -3.12 -23.92
CA MET A 281 -9.24 -2.27 -23.70
C MET A 281 -8.26 -2.24 -24.87
N ASN A 282 -8.57 -2.90 -25.98
CA ASN A 282 -7.75 -2.80 -27.20
C ASN A 282 -6.32 -3.29 -27.00
N GLY A 283 -6.14 -4.27 -26.11
CA GLY A 283 -4.82 -4.78 -25.82
C GLY A 283 -3.92 -3.79 -25.14
N ARG A 284 -4.48 -2.79 -24.48
CA ARG A 284 -3.72 -1.73 -23.87
C ARG A 284 -4.01 -1.72 -22.37
N THR A 285 -3.12 -1.08 -21.63
CA THR A 285 -3.33 -0.84 -20.21
C THR A 285 -3.66 0.63 -19.98
N ILE A 286 -4.26 0.89 -18.82
CA ILE A 286 -4.50 2.24 -18.32
C ILE A 286 -3.87 2.27 -16.93
N LEU A 287 -2.90 3.17 -16.75
CA LEU A 287 -2.14 3.22 -15.49
C LEU A 287 -1.68 1.83 -15.06
N GLY A 288 -1.16 1.07 -16.03
CA GLY A 288 -0.59 -0.23 -15.77
C GLY A 288 -1.58 -1.37 -15.61
N SER A 289 -2.89 -1.10 -15.67
CA SER A 289 -3.89 -2.12 -15.40
C SER A 289 -4.60 -2.55 -16.67
N ALA A 290 -4.87 -3.85 -16.78
CA ALA A 290 -5.60 -4.39 -17.92
C ALA A 290 -7.11 -4.40 -17.70
N LEU A 291 -7.56 -4.10 -16.48
CA LEU A 291 -8.96 -3.98 -16.16
C LEU A 291 -9.24 -2.58 -15.64
N LEU A 292 -10.52 -2.25 -15.57
CA LEU A 292 -10.94 -0.93 -15.09
C LEU A 292 -10.98 -0.93 -13.57
N GLU A 293 -10.20 -0.06 -12.96
CA GLU A 293 -10.00 -0.02 -11.51
C GLU A 293 -11.10 0.80 -10.82
N ASP A 294 -11.67 0.24 -9.74
CA ASP A 294 -12.80 0.90 -9.07
C ASP A 294 -12.57 1.17 -7.58
N GLU A 295 -11.33 1.15 -7.11
CA GLU A 295 -11.05 1.40 -5.69
C GLU A 295 -10.26 2.69 -5.44
N PHE A 296 -10.39 3.69 -6.32
CA PHE A 296 -9.98 5.05 -6.05
C PHE A 296 -11.19 5.96 -6.06
N THR A 297 -11.40 6.71 -4.97
CA THR A 297 -12.44 7.72 -4.98
C THR A 297 -11.95 9.00 -5.66
N PRO A 298 -12.87 9.90 -6.02
CA PRO A 298 -12.44 11.21 -6.55
C PRO A 298 -11.47 11.92 -5.61
N PHE A 299 -11.71 11.85 -4.30
CA PHE A 299 -10.81 12.50 -3.37
C PHE A 299 -9.44 11.82 -3.32
N ASP A 300 -9.41 10.50 -3.46
CA ASP A 300 -8.13 9.79 -3.52
C ASP A 300 -7.27 10.31 -4.66
N VAL A 301 -7.91 10.62 -5.80
CA VAL A 301 -7.17 11.16 -6.94
C VAL A 301 -6.64 12.54 -6.59
N VAL A 302 -7.48 13.42 -6.06
CA VAL A 302 -7.04 14.77 -5.68
C VAL A 302 -5.90 14.69 -4.67
N ARG A 303 -6.05 13.83 -3.66
CA ARG A 303 -5.03 13.72 -2.62
C ARG A 303 -3.68 13.33 -3.21
N GLN A 304 -3.66 12.34 -4.10
CA GLN A 304 -2.41 11.87 -4.64
C GLN A 304 -1.82 12.86 -5.63
N CYS A 305 -2.65 13.46 -6.48
CA CYS A 305 -2.13 14.36 -7.50
C CYS A 305 -1.66 15.69 -6.91
N SER A 306 -2.12 16.03 -5.70
CA SER A 306 -1.74 17.26 -5.02
C SER A 306 -0.66 17.06 -3.96
N GLY A 307 -0.25 15.83 -3.70
CA GLY A 307 0.80 15.59 -2.71
C GLY A 307 0.43 15.96 -1.30
N VAL A 308 -0.82 15.73 -0.90
CA VAL A 308 -1.27 16.08 0.44
C VAL A 308 -0.44 15.31 1.47
N THR A 309 -0.03 15.99 2.55
CA THR A 309 0.74 15.34 3.60
C THR A 309 0.00 15.46 4.93
N PHE A 310 0.54 14.76 5.93
CA PHE A 310 -0.17 14.58 7.17
C PHE A 310 0.75 14.73 8.39
N GLY B 4 -13.90 -20.78 -1.25
CA GLY B 4 -12.80 -21.29 -0.45
C GLY B 4 -11.51 -20.51 -0.58
N SER B 5 -11.58 -19.37 -1.26
CA SER B 5 -10.39 -18.56 -1.46
C SER B 5 -10.14 -17.66 -0.25
N SER B 6 -8.98 -17.02 -0.25
CA SER B 6 -8.63 -16.02 0.74
C SER B 6 -7.89 -14.88 0.05
N GLY B 7 -7.78 -13.75 0.75
CA GLY B 7 -7.31 -12.52 0.13
C GLY B 7 -5.80 -12.45 0.02
N PHE B 8 -5.35 -11.81 -1.05
CA PHE B 8 -3.94 -11.52 -1.27
C PHE B 8 -3.79 -10.12 -1.85
N ARG B 9 -3.02 -9.28 -1.19
CA ARG B 9 -2.93 -7.86 -1.53
C ARG B 9 -1.48 -7.43 -1.61
N LYS B 10 -1.21 -6.45 -2.48
CA LYS B 10 0.04 -5.72 -2.42
C LYS B 10 0.07 -4.93 -1.12
N MET B 11 1.03 -5.24 -0.25
CA MET B 11 1.01 -4.78 1.13
C MET B 11 2.34 -4.08 1.40
N ALA B 12 2.28 -2.83 1.82
CA ALA B 12 3.47 -2.12 2.25
C ALA B 12 3.77 -2.41 3.72
N PHE B 13 5.03 -2.22 4.11
CA PHE B 13 5.40 -2.31 5.51
C PHE B 13 4.79 -1.12 6.26
N PRO B 14 4.47 -1.30 7.54
CA PRO B 14 4.04 -0.15 8.35
C PRO B 14 5.14 0.91 8.37
N SER B 15 4.73 2.16 8.19
CA SER B 15 5.69 3.23 7.90
C SER B 15 6.17 3.98 9.13
N GLY B 16 5.65 3.70 10.33
CA GLY B 16 5.93 4.55 11.48
C GLY B 16 7.42 4.67 11.81
N LYS B 17 8.16 3.58 11.74
CA LYS B 17 9.59 3.64 12.05
C LYS B 17 10.32 4.59 11.12
N VAL B 18 9.87 4.70 9.87
CA VAL B 18 10.52 5.59 8.92
C VAL B 18 10.00 7.03 9.07
N GLU B 19 8.70 7.19 9.34
CA GLU B 19 8.13 8.52 9.54
C GLU B 19 8.89 9.29 10.61
N GLY B 20 9.31 8.60 11.67
CA GLY B 20 10.05 9.21 12.75
C GLY B 20 11.43 9.66 12.38
N CYS B 21 11.87 9.36 11.17
CA CYS B 21 13.19 9.75 10.69
C CYS B 21 13.13 10.82 9.60
N MET B 22 11.95 11.23 9.15
CA MET B 22 11.89 12.10 7.98
C MET B 22 12.02 13.55 8.43
N VAL B 23 12.89 14.30 7.76
CA VAL B 23 13.08 15.71 8.00
C VAL B 23 13.04 16.44 6.67
N GLN B 24 12.97 17.76 6.74
CA GLN B 24 13.11 18.59 5.55
C GLN B 24 14.45 19.31 5.57
N VAL B 25 15.06 19.39 4.40
CA VAL B 25 16.35 20.05 4.21
C VAL B 25 16.17 21.14 3.15
N THR B 26 16.56 22.37 3.50
CA THR B 26 16.43 23.51 2.60
C THR B 26 17.80 24.16 2.42
N CYS B 27 18.18 24.36 1.16
CA CYS B 27 19.39 25.09 0.80
C CYS B 27 18.93 26.15 -0.20
N GLY B 28 18.97 27.41 0.21
CA GLY B 28 18.48 28.48 -0.63
C GLY B 28 16.98 28.33 -0.85
N THR B 29 16.59 28.17 -2.12
CA THR B 29 15.19 27.97 -2.45
C THR B 29 14.85 26.52 -2.74
N THR B 30 15.80 25.60 -2.58
CA THR B 30 15.57 24.18 -2.87
C THR B 30 15.27 23.47 -1.56
N THR B 31 14.08 22.86 -1.46
CA THR B 31 13.71 22.10 -0.27
C THR B 31 13.37 20.69 -0.69
N LEU B 32 13.95 19.70 0.01
CA LEU B 32 13.59 18.30 -0.23
C LEU B 32 13.58 17.55 1.09
N ASN B 33 13.43 16.24 1.01
CA ASN B 33 13.38 15.42 2.20
C ASN B 33 14.74 14.85 2.58
N GLY B 34 14.94 14.67 3.88
CA GLY B 34 16.11 13.99 4.39
C GLY B 34 15.74 12.91 5.39
N LEU B 35 16.70 12.04 5.65
CA LEU B 35 16.55 10.89 6.55
C LEU B 35 17.50 11.07 7.74
N TRP B 36 16.93 11.19 8.93
CA TRP B 36 17.67 11.54 10.15
C TRP B 36 17.88 10.26 10.97
N LEU B 37 19.10 9.75 10.97
CA LEU B 37 19.47 8.53 11.71
C LEU B 37 20.67 8.85 12.59
N ASP B 38 20.57 8.53 13.87
CA ASP B 38 21.61 8.94 14.82
C ASP B 38 21.81 10.45 14.64
N ASP B 39 23.05 10.94 14.54
CA ASP B 39 23.27 12.38 14.39
C ASP B 39 23.62 12.78 12.95
N VAL B 40 23.11 12.04 11.97
CA VAL B 40 23.34 12.35 10.55
C VAL B 40 22.01 12.46 9.81
N VAL B 41 21.91 13.45 8.92
CA VAL B 41 20.80 13.57 7.98
C VAL B 41 21.33 13.25 6.59
N TYR B 42 20.74 12.26 5.94
CA TYR B 42 21.08 11.86 4.57
C TYR B 42 20.05 12.44 3.61
N CYS B 43 20.51 13.04 2.52
CA CYS B 43 19.60 13.60 1.54
C CYS B 43 20.30 13.64 0.20
N PRO B 44 19.56 13.84 -0.88
CA PRO B 44 20.19 13.94 -2.21
C PRO B 44 21.12 15.14 -2.26
N ARG B 45 22.31 14.93 -2.83
CA ARG B 45 23.25 16.05 -2.90
C ARG B 45 22.74 17.21 -3.74
N HIS B 46 21.78 16.97 -4.65
CA HIS B 46 21.26 18.06 -5.46
C HIS B 46 20.41 19.06 -4.67
N VAL B 47 20.24 18.87 -3.36
CA VAL B 47 19.67 19.96 -2.57
C VAL B 47 20.48 21.24 -2.69
N ILE B 48 21.77 21.15 -3.03
CA ILE B 48 22.63 22.34 -3.10
C ILE B 48 22.57 23.01 -4.45
N CYS B 49 21.76 22.51 -5.37
CA CYS B 49 21.68 23.06 -6.71
C CYS B 49 20.48 23.97 -6.87
N THR B 50 20.69 25.08 -7.55
CA THR B 50 19.59 25.83 -8.14
C THR B 50 19.10 25.11 -9.39
N SER B 51 18.00 25.60 -9.96
CA SER B 51 17.51 25.03 -11.21
C SER B 51 18.57 25.12 -12.30
N GLU B 52 19.33 26.21 -12.31
CA GLU B 52 20.37 26.38 -13.33
C GLU B 52 21.58 25.50 -13.06
N ASP B 53 21.98 25.38 -11.79
CA ASP B 53 23.06 24.45 -11.46
C ASP B 53 22.75 23.05 -11.97
N MET B 54 21.50 22.64 -11.85
CA MET B 54 21.10 21.29 -12.23
C MET B 54 21.37 20.98 -13.69
N LEU B 55 21.45 22.00 -14.55
CA LEU B 55 21.72 21.72 -15.96
C LEU B 55 23.11 21.16 -16.16
N ASN B 56 24.06 21.54 -15.31
CA ASN B 56 25.46 21.13 -15.45
C ASN B 56 26.19 21.31 -14.13
N PRO B 57 25.87 20.52 -13.12
CA PRO B 57 26.43 20.78 -11.79
C PRO B 57 27.82 20.19 -11.68
N ASN B 58 28.70 20.92 -11.00
CA ASN B 58 29.90 20.32 -10.44
C ASN B 58 29.72 20.34 -8.92
N TYR B 59 29.42 19.18 -8.36
CA TYR B 59 28.99 19.11 -6.96
C TYR B 59 30.13 19.45 -6.01
N GLU B 60 31.35 19.05 -6.34
CA GLU B 60 32.48 19.39 -5.47
C GLU B 60 32.61 20.91 -5.34
N ASP B 61 32.51 21.63 -6.46
CA ASP B 61 32.63 23.08 -6.40
C ASP B 61 31.41 23.71 -5.76
N LEU B 62 30.22 23.18 -6.02
CA LEU B 62 29.02 23.73 -5.40
C LEU B 62 29.07 23.54 -3.90
N LEU B 63 29.62 22.41 -3.43
CA LEU B 63 29.64 22.13 -2.01
C LEU B 63 30.71 22.92 -1.28
N ILE B 64 31.86 23.17 -1.92
CA ILE B 64 32.86 24.02 -1.28
C ILE B 64 32.32 25.42 -1.02
N ARG B 65 31.34 25.86 -1.80
CA ARG B 65 30.75 27.18 -1.64
C ARG B 65 29.69 27.23 -0.53
N LYS B 66 29.35 26.12 0.10
CA LYS B 66 28.31 26.11 1.13
C LYS B 66 28.92 26.08 2.53
N SER B 67 28.23 26.74 3.46
CA SER B 67 28.50 26.64 4.89
C SER B 67 27.49 25.71 5.53
N ASN B 68 27.79 25.30 6.77
CA ASN B 68 26.80 24.57 7.57
C ASN B 68 25.52 25.39 7.72
N HIS B 69 25.64 26.71 7.89
CA HIS B 69 24.48 27.57 8.04
C HIS B 69 23.56 27.52 6.82
N ASN B 70 24.12 27.32 5.62
CA ASN B 70 23.30 27.27 4.40
C ASN B 70 22.31 26.12 4.40
N PHE B 71 22.47 25.13 5.28
CA PHE B 71 21.56 23.99 5.33
C PHE B 71 20.59 24.18 6.47
N LEU B 72 19.33 24.45 6.13
CA LEU B 72 18.26 24.53 7.11
C LEU B 72 17.58 23.17 7.19
N VAL B 73 17.76 22.48 8.31
CA VAL B 73 17.17 21.16 8.55
C VAL B 73 16.09 21.32 9.60
N GLN B 74 14.90 20.78 9.33
CA GLN B 74 13.78 20.90 10.24
C GLN B 74 13.16 19.52 10.43
N ALA B 75 13.03 19.11 11.70
CA ALA B 75 12.36 17.88 12.07
C ALA B 75 11.06 18.33 12.74
N GLY B 76 9.96 18.24 12.01
CA GLY B 76 8.80 19.03 12.39
C GLY B 76 9.07 20.48 12.04
N ASN B 77 8.78 21.39 12.97
CA ASN B 77 9.26 22.76 12.90
C ASN B 77 10.43 23.02 13.85
N VAL B 78 11.03 21.95 14.39
CA VAL B 78 12.23 22.08 15.21
C VAL B 78 13.43 22.14 14.28
N GLN B 79 14.16 23.24 14.31
CA GLN B 79 15.38 23.31 13.53
C GLN B 79 16.46 22.46 14.18
N LEU B 80 17.17 21.70 13.36
CA LEU B 80 18.33 20.94 13.80
C LEU B 80 19.58 21.64 13.31
N ARG B 81 20.50 21.92 14.23
CA ARG B 81 21.69 22.68 13.86
C ARG B 81 22.68 21.78 13.12
N VAL B 82 23.07 22.20 11.91
CA VAL B 82 24.04 21.44 11.12
C VAL B 82 25.45 21.81 11.58
N ILE B 83 26.24 20.79 11.91
CA ILE B 83 27.61 20.96 12.37
C ILE B 83 28.65 20.33 11.44
N GLY B 84 28.23 19.78 10.30
CA GLY B 84 29.17 19.32 9.30
C GLY B 84 28.41 18.90 8.06
N HIS B 85 29.13 18.85 6.93
CA HIS B 85 28.50 18.44 5.69
C HIS B 85 29.53 17.76 4.81
N SER B 86 29.17 16.59 4.30
CA SER B 86 30.09 15.81 3.51
C SER B 86 29.29 15.07 2.44
N MET B 87 29.98 14.70 1.38
CA MET B 87 29.38 14.06 0.22
C MET B 87 29.88 12.64 0.08
N GLN B 88 28.97 11.71 -0.21
CA GLN B 88 29.32 10.33 -0.52
C GLN B 88 28.54 9.97 -1.78
N ASN B 89 29.24 9.89 -2.92
CA ASN B 89 28.58 9.63 -4.20
C ASN B 89 27.48 10.68 -4.34
N CYS B 90 26.22 10.30 -4.59
CA CYS B 90 25.17 11.28 -4.82
C CYS B 90 24.38 11.63 -3.56
N VAL B 91 24.87 11.24 -2.39
CA VAL B 91 24.22 11.55 -1.13
C VAL B 91 25.03 12.56 -0.34
N LEU B 92 24.33 13.51 0.25
CA LEU B 92 24.90 14.43 1.22
C LEU B 92 24.64 13.90 2.62
N LYS B 93 25.65 14.00 3.49
CA LYS B 93 25.55 13.61 4.88
C LYS B 93 25.75 14.86 5.73
N LEU B 94 24.69 15.30 6.39
CA LEU B 94 24.75 16.48 7.23
C LEU B 94 24.81 16.03 8.68
N LYS B 95 25.93 16.29 9.35
CA LYS B 95 26.03 16.01 10.76
C LYS B 95 25.25 17.08 11.52
N VAL B 96 24.41 16.65 12.46
CA VAL B 96 23.61 17.57 13.24
C VAL B 96 23.97 17.41 14.70
N ASP B 97 23.60 18.40 15.50
CA ASP B 97 24.06 18.39 16.88
C ASP B 97 23.22 17.51 17.80
N THR B 98 22.19 16.86 17.29
CA THR B 98 21.28 16.05 18.09
C THR B 98 21.07 14.70 17.41
N ALA B 99 21.13 13.63 18.19
CA ALA B 99 20.83 12.30 17.67
C ALA B 99 19.34 12.09 17.67
N ASN B 100 18.82 11.46 16.62
CA ASN B 100 17.38 11.23 16.54
C ASN B 100 16.96 10.22 17.60
N PRO B 101 16.13 10.58 18.57
CA PRO B 101 15.71 9.59 19.58
C PRO B 101 14.85 8.50 19.00
N LYS B 102 14.31 8.71 17.81
CA LYS B 102 13.48 7.71 17.15
C LYS B 102 14.23 6.85 16.14
N THR B 103 15.55 6.90 16.15
CA THR B 103 16.33 6.07 15.23
C THR B 103 16.01 4.61 15.47
N PRO B 104 15.52 3.88 14.49
CA PRO B 104 15.33 2.44 14.64
C PRO B 104 16.66 1.73 14.44
N LYS B 105 16.68 0.45 14.79
CA LYS B 105 17.72 -0.43 14.30
C LYS B 105 17.64 -0.43 12.78
N TYR B 106 18.78 -0.22 12.10
CA TYR B 106 18.74 -0.06 10.65
C TYR B 106 20.01 -0.58 10.00
N LYS B 107 19.89 -0.82 8.69
CA LYS B 107 21.00 -1.15 7.81
C LYS B 107 20.75 -0.43 6.49
N PHE B 108 21.83 -0.17 5.77
CA PHE B 108 21.78 0.26 4.39
C PHE B 108 22.10 -0.95 3.51
N VAL B 109 21.19 -1.27 2.58
CA VAL B 109 21.33 -2.41 1.70
C VAL B 109 21.16 -1.96 0.25
N ARG B 110 21.88 -2.60 -0.64
CA ARG B 110 21.72 -2.38 -2.07
C ARG B 110 20.93 -3.55 -2.62
N ILE B 111 19.71 -3.28 -3.07
CA ILE B 111 18.85 -4.39 -3.49
C ILE B 111 19.14 -4.75 -4.94
N GLN B 112 18.63 -5.86 -5.34
CA GLN B 112 18.79 -6.47 -6.65
C GLN B 112 17.54 -6.26 -7.48
N PRO B 113 17.67 -6.22 -8.81
CA PRO B 113 16.48 -6.19 -9.65
C PRO B 113 15.58 -7.37 -9.31
N GLY B 114 14.29 -7.10 -9.24
CA GLY B 114 13.30 -8.07 -8.86
C GLY B 114 12.90 -8.01 -7.41
N GLN B 115 13.73 -7.44 -6.54
CA GLN B 115 13.38 -7.33 -5.13
C GLN B 115 12.43 -6.15 -4.93
N THR B 116 11.58 -6.26 -3.91
CA THR B 116 10.59 -5.24 -3.61
C THR B 116 10.96 -4.47 -2.36
N PHE B 117 10.30 -3.32 -2.18
CA PHE B 117 10.47 -2.50 -0.99
C PHE B 117 9.29 -1.56 -0.90
N SER B 118 9.08 -1.00 0.30
CA SER B 118 8.03 -0.01 0.50
C SER B 118 8.62 1.38 0.35
N VAL B 119 7.85 2.28 -0.26
CA VAL B 119 8.22 3.67 -0.43
C VAL B 119 7.34 4.51 0.47
N LEU B 120 7.94 5.39 1.27
CA LEU B 120 7.20 6.40 2.01
C LEU B 120 7.35 7.71 1.25
N ALA B 121 6.36 8.07 0.45
CA ALA B 121 6.43 9.31 -0.32
C ALA B 121 6.21 10.49 0.62
N CYS B 122 7.12 11.47 0.55
CA CYS B 122 7.11 12.60 1.48
C CYS B 122 7.31 13.90 0.71
N TYR B 123 6.77 14.98 1.28
CA TYR B 123 6.93 16.34 0.78
C TYR B 123 7.20 17.23 1.98
N ASN B 124 8.25 18.05 1.89
CA ASN B 124 8.59 18.97 2.98
C ASN B 124 8.83 18.23 4.28
N GLY B 125 9.40 17.03 4.20
CA GLY B 125 9.70 16.24 5.37
C GLY B 125 8.50 15.59 6.03
N SER B 126 7.32 15.64 5.43
CA SER B 126 6.12 15.03 5.98
C SER B 126 5.56 13.96 5.05
N PRO B 127 4.97 12.90 5.60
CA PRO B 127 4.56 11.76 4.77
C PRO B 127 3.23 11.97 4.08
N SER B 128 3.17 11.55 2.81
CA SER B 128 1.95 11.57 2.03
C SER B 128 1.30 10.19 1.93
N GLY B 129 2.08 9.14 1.75
CA GLY B 129 1.49 7.82 1.58
C GLY B 129 2.57 6.76 1.46
N VAL B 130 2.14 5.50 1.45
CA VAL B 130 3.07 4.38 1.45
C VAL B 130 2.58 3.35 0.44
N TYR B 131 3.51 2.78 -0.32
CA TYR B 131 3.17 1.77 -1.33
C TYR B 131 4.39 0.91 -1.63
N GLN B 132 4.14 -0.28 -2.18
CA GLN B 132 5.19 -1.21 -2.56
C GLN B 132 5.69 -0.95 -3.97
N CYS B 133 6.99 -1.12 -4.18
CA CYS B 133 7.61 -1.09 -5.50
C CYS B 133 8.57 -2.26 -5.69
N ALA B 134 8.74 -2.68 -6.94
CA ALA B 134 9.80 -3.62 -7.29
C ALA B 134 10.86 -2.89 -8.09
N MET B 135 12.12 -3.20 -7.80
CA MET B 135 13.19 -2.74 -8.68
C MET B 135 13.11 -3.49 -10.01
N ARG B 136 12.88 -2.77 -11.11
CA ARG B 136 12.72 -3.42 -12.40
C ARG B 136 14.08 -3.86 -12.92
N PRO B 137 14.11 -4.83 -13.85
CA PRO B 137 15.39 -5.20 -14.47
C PRO B 137 16.13 -4.05 -15.13
N ASN B 138 15.43 -3.01 -15.57
CA ASN B 138 16.09 -1.82 -16.11
C ASN B 138 16.43 -0.78 -15.04
N PHE B 139 16.33 -1.13 -13.76
CA PHE B 139 16.78 -0.29 -12.64
C PHE B 139 15.95 0.98 -12.46
N THR B 140 14.69 0.91 -12.85
CA THR B 140 13.71 1.93 -12.51
C THR B 140 12.66 1.30 -11.61
N ILE B 141 11.84 2.16 -11.02
CA ILE B 141 10.68 1.72 -10.26
C ILE B 141 9.46 2.47 -10.76
N LYS B 142 8.30 1.83 -10.63
CA LYS B 142 7.03 2.42 -11.05
C LYS B 142 6.37 2.95 -9.79
N GLY B 143 6.67 4.19 -9.44
CA GLY B 143 6.17 4.80 -8.25
C GLY B 143 5.18 5.92 -8.52
N SER B 144 5.02 6.78 -7.52
CA SER B 144 4.18 7.96 -7.61
C SER B 144 4.92 9.06 -6.85
N PHE B 145 5.56 9.96 -7.60
CA PHE B 145 6.44 10.96 -7.00
C PHE B 145 6.22 12.28 -7.73
N LEU B 146 5.93 13.34 -6.98
CA LEU B 146 5.73 14.68 -7.50
C LEU B 146 6.96 15.53 -7.22
N ASN B 147 6.96 16.76 -7.74
CA ASN B 147 8.02 17.66 -7.35
C ASN B 147 8.00 17.86 -5.84
N GLY B 148 9.19 17.82 -5.24
CA GLY B 148 9.33 17.88 -3.80
C GLY B 148 9.52 16.53 -3.15
N SER B 149 9.34 15.44 -3.91
CA SER B 149 9.45 14.12 -3.30
C SER B 149 10.89 13.64 -3.16
N CYS B 150 11.85 14.34 -3.76
CA CYS B 150 13.22 13.83 -3.73
C CYS B 150 13.68 13.67 -2.29
N GLY B 151 14.48 12.63 -2.04
CA GLY B 151 14.88 12.26 -0.70
C GLY B 151 13.93 11.32 0.02
N SER B 152 12.72 11.11 -0.50
CA SER B 152 11.86 10.05 0.03
C SER B 152 12.59 8.72 -0.11
N VAL B 153 12.36 7.82 0.83
CA VAL B 153 13.12 6.58 0.88
C VAL B 153 12.26 5.34 0.68
N GLY B 154 12.93 4.28 0.25
CA GLY B 154 12.37 2.94 0.18
C GLY B 154 13.08 2.03 1.16
N PHE B 155 12.35 1.04 1.68
CA PHE B 155 12.86 0.26 2.80
C PHE B 155 12.11 -1.06 2.90
N ASN B 156 12.73 -2.02 3.58
CA ASN B 156 12.08 -3.23 4.07
C ASN B 156 12.24 -3.27 5.57
N ILE B 157 11.31 -3.93 6.26
CA ILE B 157 11.44 -4.10 7.69
C ILE B 157 11.51 -5.59 7.97
N ASP B 158 12.56 -6.00 8.66
CA ASP B 158 12.74 -7.38 9.08
C ASP B 158 12.69 -7.37 10.60
N TYR B 159 11.53 -7.75 11.13
CA TYR B 159 11.23 -7.63 12.55
C TYR B 159 11.25 -6.17 12.98
N ASP B 160 12.25 -5.73 13.75
CA ASP B 160 12.32 -4.30 14.06
C ASP B 160 13.52 -3.62 13.40
N CYS B 161 14.15 -4.27 12.43
CA CYS B 161 15.29 -3.69 11.74
C CYS B 161 14.86 -3.15 10.38
N VAL B 162 15.09 -1.86 10.16
CA VAL B 162 14.73 -1.21 8.91
C VAL B 162 15.94 -1.24 7.97
N SER B 163 15.79 -1.93 6.84
CA SER B 163 16.82 -1.92 5.79
C SER B 163 16.43 -0.88 4.75
N PHE B 164 17.15 0.23 4.73
CA PHE B 164 16.92 1.26 3.72
C PHE B 164 17.65 0.88 2.44
N CYS B 165 16.94 0.95 1.31
CA CYS B 165 17.53 0.54 0.05
C CYS B 165 17.39 1.54 -1.08
N TYR B 166 16.59 2.60 -0.94
CA TYR B 166 16.36 3.51 -2.04
C TYR B 166 16.16 4.92 -1.50
N MET B 167 16.72 5.90 -2.22
CA MET B 167 16.45 7.31 -2.02
C MET B 167 16.09 7.93 -3.35
N HIS B 168 14.95 8.62 -3.41
CA HIS B 168 14.38 9.04 -4.67
C HIS B 168 15.09 10.26 -5.25
N HIS B 169 15.37 10.23 -6.55
CA HIS B 169 16.03 11.35 -7.24
C HIS B 169 15.32 11.91 -8.48
N MET B 170 14.65 11.08 -9.29
CA MET B 170 14.20 11.56 -10.60
C MET B 170 13.02 10.79 -11.15
N GLU B 171 12.31 11.47 -12.07
CA GLU B 171 11.24 10.88 -12.86
C GLU B 171 11.64 10.99 -14.31
N LEU B 172 11.77 9.85 -14.96
CA LEU B 172 12.14 9.84 -16.38
C LEU B 172 10.93 10.23 -17.23
N PRO B 173 11.14 10.57 -18.50
CA PRO B 173 10.01 11.06 -19.31
C PRO B 173 8.90 10.06 -19.55
N THR B 174 9.14 8.77 -19.34
CA THR B 174 8.07 7.77 -19.40
C THR B 174 7.36 7.57 -18.06
N GLY B 175 7.58 8.45 -17.08
CA GLY B 175 6.82 8.36 -15.84
C GLY B 175 7.25 7.26 -14.91
N VAL B 176 8.46 6.74 -15.08
CA VAL B 176 9.05 5.83 -14.11
C VAL B 176 10.17 6.56 -13.38
N HIS B 177 10.69 5.93 -12.33
CA HIS B 177 11.47 6.64 -11.34
C HIS B 177 12.81 5.99 -11.10
N ALA B 178 13.78 6.84 -10.74
CA ALA B 178 15.13 6.37 -10.51
C ALA B 178 15.73 7.06 -9.29
N GLY B 179 16.68 6.37 -8.68
CA GLY B 179 17.32 6.89 -7.50
C GLY B 179 18.50 6.05 -7.09
N THR B 180 18.93 6.29 -5.86
CA THR B 180 20.20 5.74 -5.37
C THR B 180 19.95 4.83 -4.19
N ASP B 181 20.98 4.06 -3.82
CA ASP B 181 20.97 3.47 -2.49
C ASP B 181 21.38 4.55 -1.47
N LEU B 182 21.47 4.16 -0.21
CA LEU B 182 21.76 5.15 0.82
C LEU B 182 23.25 5.45 0.94
N GLU B 183 24.09 4.77 0.15
CA GLU B 183 25.49 5.15 -0.03
C GLU B 183 25.64 6.08 -1.22
N GLY B 184 24.54 6.47 -1.84
CA GLY B 184 24.58 7.46 -2.90
C GLY B 184 24.87 6.94 -4.29
N ASN B 185 24.89 5.62 -4.48
CA ASN B 185 25.17 5.05 -5.80
C ASN B 185 23.86 4.78 -6.53
N PHE B 186 23.72 5.36 -7.73
CA PHE B 186 22.49 5.15 -8.48
C PHE B 186 22.29 3.68 -8.78
N TYR B 187 21.03 3.26 -8.78
CA TYR B 187 20.65 2.05 -9.46
C TYR B 187 20.53 2.38 -10.94
N GLY B 188 21.23 1.61 -11.77
CA GLY B 188 21.19 1.81 -13.20
C GLY B 188 22.16 2.87 -13.66
N PRO B 189 22.09 3.21 -14.95
CA PRO B 189 23.08 4.13 -15.54
C PRO B 189 22.80 5.61 -15.33
N PHE B 190 21.91 5.97 -14.42
CA PHE B 190 21.44 7.35 -14.30
C PHE B 190 22.42 8.21 -13.51
N VAL B 191 22.30 9.53 -13.73
CA VAL B 191 23.16 10.53 -13.10
C VAL B 191 22.28 11.68 -12.61
N ASP B 192 22.72 12.35 -11.55
CA ASP B 192 21.93 13.44 -10.95
C ASP B 192 22.22 14.78 -11.66
N ARG B 193 21.75 14.84 -12.91
CA ARG B 193 21.89 16.01 -13.75
C ARG B 193 20.66 16.11 -14.62
N GLN B 194 20.23 17.34 -14.91
CA GLN B 194 19.10 17.57 -15.80
C GLN B 194 19.58 17.48 -17.24
N THR B 195 19.88 16.24 -17.64
CA THR B 195 20.39 15.89 -18.95
C THR B 195 19.56 14.72 -19.47
N ALA B 196 19.56 14.54 -20.79
CA ALA B 196 18.70 13.55 -21.42
C ALA B 196 19.05 12.15 -20.94
N GLN B 197 18.11 11.52 -20.25
CA GLN B 197 18.22 10.13 -19.87
C GLN B 197 16.86 9.46 -20.01
N ALA B 198 16.89 8.17 -20.34
CA ALA B 198 15.67 7.44 -20.60
C ALA B 198 15.80 6.03 -20.05
N ALA B 199 14.66 5.48 -19.62
CA ALA B 199 14.62 4.10 -19.19
C ALA B 199 14.97 3.18 -20.35
N GLY B 200 15.77 2.15 -20.08
CA GLY B 200 16.09 1.15 -21.07
C GLY B 200 14.98 0.11 -21.18
N THR B 201 15.17 -0.83 -22.11
CA THR B 201 14.17 -1.87 -22.31
C THR B 201 14.06 -2.70 -21.04
N ASP B 202 12.84 -3.02 -20.65
CA ASP B 202 12.60 -3.80 -19.45
C ASP B 202 12.25 -5.23 -19.83
N THR B 203 12.18 -6.10 -18.82
CA THR B 203 11.77 -7.48 -18.98
C THR B 203 10.92 -7.85 -17.78
N THR B 204 10.21 -8.98 -17.89
CA THR B 204 9.35 -9.46 -16.82
C THR B 204 10.13 -10.36 -15.86
N ILE B 205 9.86 -10.17 -14.57
CA ILE B 205 10.59 -10.87 -13.52
C ILE B 205 9.98 -12.24 -13.31
N THR B 206 10.56 -13.24 -13.98
CA THR B 206 9.97 -14.58 -14.03
C THR B 206 9.77 -15.19 -12.65
N VAL B 207 10.79 -15.13 -11.78
CA VAL B 207 10.68 -15.77 -10.47
C VAL B 207 9.51 -15.18 -9.67
N ASN B 208 9.24 -13.89 -9.88
CA ASN B 208 8.14 -13.24 -9.17
C ASN B 208 6.79 -13.67 -9.71
N VAL B 209 6.69 -13.84 -11.03
CA VAL B 209 5.44 -14.35 -11.58
C VAL B 209 5.13 -15.72 -10.98
N LEU B 210 6.16 -16.56 -10.88
CA LEU B 210 5.94 -17.88 -10.30
C LEU B 210 5.51 -17.78 -8.83
N ALA B 211 6.13 -16.87 -8.06
CA ALA B 211 5.75 -16.71 -6.66
C ALA B 211 4.29 -16.30 -6.54
N TRP B 212 3.84 -15.42 -7.44
CA TRP B 212 2.47 -14.95 -7.42
C TRP B 212 1.51 -16.09 -7.78
N LEU B 213 1.91 -16.96 -8.70
CA LEU B 213 1.06 -18.12 -8.99
C LEU B 213 0.98 -19.07 -7.80
N TYR B 214 2.09 -19.26 -7.07
CA TYR B 214 2.01 -19.98 -5.81
C TYR B 214 1.06 -19.30 -4.83
N ALA B 215 1.12 -17.97 -4.75
CA ALA B 215 0.22 -17.23 -3.86
C ALA B 215 -1.23 -17.51 -4.23
N ALA B 216 -1.52 -17.55 -5.52
CA ALA B 216 -2.88 -17.88 -5.95
C ALA B 216 -3.29 -19.26 -5.46
N VAL B 217 -2.40 -20.24 -5.59
CA VAL B 217 -2.73 -21.60 -5.14
C VAL B 217 -2.95 -21.63 -3.64
N ILE B 218 -2.06 -20.99 -2.88
CA ILE B 218 -2.16 -21.00 -1.43
C ILE B 218 -3.49 -20.38 -0.99
N ASN B 219 -3.96 -19.37 -1.71
CA ASN B 219 -5.17 -18.65 -1.38
C ASN B 219 -6.38 -19.13 -2.17
N GLY B 220 -6.30 -20.32 -2.74
CA GLY B 220 -7.49 -20.97 -3.26
C GLY B 220 -8.01 -20.43 -4.57
N ASP B 221 -7.15 -19.89 -5.42
CA ASP B 221 -7.49 -19.41 -6.76
C ASP B 221 -6.57 -20.13 -7.73
N ARG B 222 -6.96 -21.36 -8.10
CA ARG B 222 -6.04 -22.29 -8.73
C ARG B 222 -6.55 -22.87 -10.05
N TRP B 223 -7.46 -22.18 -10.72
CA TRP B 223 -8.05 -22.72 -11.95
C TRP B 223 -6.99 -23.04 -13.01
N PHE B 224 -5.87 -22.32 -13.02
CA PHE B 224 -4.86 -22.43 -14.07
C PHE B 224 -3.91 -23.61 -13.87
N LEU B 225 -3.94 -24.28 -12.72
CA LEU B 225 -2.96 -25.32 -12.45
C LEU B 225 -3.22 -26.53 -13.34
N ASN B 226 -2.22 -26.90 -14.14
CA ASN B 226 -2.29 -28.13 -14.92
C ASN B 226 -1.51 -29.23 -14.20
N ARG B 227 -1.56 -30.44 -14.75
CA ARG B 227 -0.89 -31.58 -14.13
C ARG B 227 0.36 -32.00 -14.91
N PHE B 228 1.01 -31.05 -15.55
CA PHE B 228 2.21 -31.32 -16.35
C PHE B 228 3.45 -30.78 -15.66
N THR B 229 4.60 -31.15 -16.21
CA THR B 229 5.88 -30.64 -15.77
C THR B 229 6.73 -30.35 -17.00
N THR B 230 7.82 -29.61 -16.77
CA THR B 230 8.70 -29.19 -17.85
C THR B 230 10.13 -29.20 -17.32
N THR B 231 11.10 -29.06 -18.21
CA THR B 231 12.47 -28.88 -17.75
C THR B 231 12.76 -27.40 -17.67
N LEU B 232 13.83 -27.08 -16.95
CA LEU B 232 14.24 -25.67 -16.84
C LEU B 232 14.55 -25.09 -18.21
N ASN B 233 15.34 -25.80 -19.04
CA ASN B 233 15.68 -25.28 -20.35
C ASN B 233 14.46 -25.15 -21.26
N ASP B 234 13.57 -26.14 -21.26
CA ASP B 234 12.37 -26.02 -22.09
C ASP B 234 11.54 -24.82 -21.66
N PHE B 235 11.41 -24.61 -20.35
CA PHE B 235 10.67 -23.45 -19.88
C PHE B 235 11.31 -22.16 -20.39
N ASN B 236 12.63 -22.04 -20.26
CA ASN B 236 13.29 -20.80 -20.63
C ASN B 236 13.19 -20.53 -22.12
N LEU B 237 13.16 -21.59 -22.94
CA LEU B 237 12.97 -21.38 -24.38
C LEU B 237 11.64 -20.72 -24.68
N VAL B 238 10.58 -21.11 -23.96
CA VAL B 238 9.28 -20.49 -24.18
C VAL B 238 9.26 -19.07 -23.62
N ALA B 239 9.71 -18.91 -22.37
CA ALA B 239 9.55 -17.63 -21.69
C ALA B 239 10.37 -16.52 -22.33
N MET B 240 11.56 -16.85 -22.86
CA MET B 240 12.34 -15.90 -23.64
C MET B 240 11.52 -15.24 -24.73
N LYS B 241 10.62 -15.99 -25.37
CA LYS B 241 9.82 -15.40 -26.44
C LYS B 241 8.81 -14.38 -25.94
N TYR B 242 8.57 -14.35 -24.63
CA TYR B 242 7.62 -13.43 -24.03
C TYR B 242 8.31 -12.32 -23.24
N ASN B 243 9.61 -12.14 -23.46
CA ASN B 243 10.37 -11.09 -22.77
C ASN B 243 10.48 -11.35 -21.27
N TYR B 244 10.53 -12.60 -20.88
CA TYR B 244 10.72 -12.98 -19.48
C TYR B 244 12.21 -13.19 -19.23
N GLU B 245 12.65 -12.82 -18.03
CA GLU B 245 14.04 -13.06 -17.63
C GLU B 245 14.31 -14.57 -17.56
N PRO B 246 15.52 -15.00 -17.86
CA PRO B 246 15.87 -16.42 -17.65
C PRO B 246 15.67 -16.84 -16.20
N LEU B 247 15.07 -18.01 -16.02
CA LEU B 247 14.93 -18.61 -14.70
C LEU B 247 16.13 -19.50 -14.46
N THR B 248 16.85 -19.27 -13.36
CA THR B 248 18.02 -20.08 -13.03
C THR B 248 17.70 -21.00 -11.86
N GLN B 249 18.65 -21.90 -11.57
CA GLN B 249 18.51 -22.76 -10.41
C GLN B 249 18.47 -21.98 -9.11
N ASP B 250 19.15 -20.83 -9.05
CA ASP B 250 19.05 -20.01 -7.85
C ASP B 250 17.62 -19.55 -7.62
N HIS B 251 16.93 -19.18 -8.70
CA HIS B 251 15.52 -18.78 -8.58
C HIS B 251 14.66 -19.97 -8.16
N VAL B 252 14.93 -21.15 -8.72
CA VAL B 252 14.18 -22.34 -8.32
C VAL B 252 14.32 -22.56 -6.82
N ASP B 253 15.54 -22.41 -6.29
CA ASP B 253 15.76 -22.61 -4.87
C ASP B 253 14.98 -21.61 -4.02
N ILE B 254 14.93 -20.34 -4.44
CA ILE B 254 14.23 -19.33 -3.67
C ILE B 254 12.72 -19.58 -3.65
N LEU B 255 12.20 -20.28 -4.65
CA LEU B 255 10.79 -20.64 -4.65
C LEU B 255 10.52 -21.84 -3.75
N GLY B 256 11.56 -22.43 -3.17
CA GLY B 256 11.40 -23.64 -2.38
C GLY B 256 10.39 -23.59 -1.27
N PRO B 257 10.34 -22.52 -0.46
CA PRO B 257 9.32 -22.46 0.62
C PRO B 257 7.89 -22.56 0.11
N LEU B 258 7.61 -22.02 -1.07
CA LEU B 258 6.26 -22.05 -1.61
C LEU B 258 5.96 -23.42 -2.20
N SER B 259 6.96 -24.04 -2.82
CA SER B 259 6.81 -25.42 -3.26
C SER B 259 6.63 -26.36 -2.07
N ALA B 260 7.26 -26.04 -0.93
CA ALA B 260 7.16 -26.89 0.25
C ALA B 260 5.74 -26.89 0.80
N GLN B 261 5.17 -25.69 0.93
CA GLN B 261 3.87 -25.51 1.55
C GLN B 261 2.74 -26.04 0.66
N THR B 262 2.91 -26.00 -0.67
CA THR B 262 1.87 -26.48 -1.56
C THR B 262 2.06 -27.91 -1.99
N GLY B 263 3.28 -28.44 -1.87
CA GLY B 263 3.56 -29.74 -2.46
C GLY B 263 3.60 -29.75 -3.97
N ILE B 264 3.69 -28.59 -4.61
CA ILE B 264 3.77 -28.47 -6.06
C ILE B 264 5.19 -28.08 -6.43
N ALA B 265 5.86 -28.94 -7.20
CA ALA B 265 7.24 -28.70 -7.58
C ALA B 265 7.35 -27.45 -8.45
N VAL B 266 8.48 -26.76 -8.33
CA VAL B 266 8.68 -25.53 -9.09
C VAL B 266 8.54 -25.79 -10.58
N LEU B 267 9.14 -26.86 -11.08
CA LEU B 267 9.03 -27.15 -12.51
C LEU B 267 7.60 -27.51 -12.94
N ASP B 268 6.77 -28.00 -12.02
CA ASP B 268 5.34 -28.15 -12.31
C ASP B 268 4.67 -26.79 -12.46
N MET B 269 4.97 -25.85 -11.56
CA MET B 269 4.46 -24.48 -11.73
C MET B 269 4.97 -23.85 -13.01
N CYS B 270 6.22 -24.11 -13.39
CA CYS B 270 6.72 -23.58 -14.66
C CYS B 270 5.89 -24.07 -15.83
N ALA B 271 5.42 -25.32 -15.76
CA ALA B 271 4.57 -25.82 -16.84
C ALA B 271 3.23 -25.10 -16.89
N SER B 272 2.65 -24.78 -15.73
CA SER B 272 1.42 -24.00 -15.70
C SER B 272 1.66 -22.58 -16.24
N LEU B 273 2.78 -21.97 -15.88
CA LEU B 273 3.08 -20.65 -16.40
C LEU B 273 3.30 -20.68 -17.91
N LYS B 274 4.01 -21.71 -18.39
CA LYS B 274 4.18 -21.89 -19.83
C LYS B 274 2.84 -21.89 -20.54
N GLU B 275 1.87 -22.64 -20.02
CA GLU B 275 0.55 -22.67 -20.65
C GLU B 275 -0.13 -21.32 -20.62
N LEU B 276 0.01 -20.58 -19.51
CA LEU B 276 -0.59 -19.26 -19.42
C LEU B 276 0.04 -18.30 -20.44
N LEU B 277 1.33 -18.45 -20.71
CA LEU B 277 1.96 -17.60 -21.71
C LEU B 277 1.48 -17.96 -23.11
N GLN B 278 1.38 -19.25 -23.42
CA GLN B 278 0.89 -19.66 -24.75
C GLN B 278 -0.54 -19.21 -24.98
N ASN B 279 -1.45 -19.56 -24.07
CA ASN B 279 -2.89 -19.44 -24.31
C ASN B 279 -3.51 -18.15 -23.81
N GLY B 280 -2.86 -17.44 -22.88
CA GLY B 280 -3.50 -16.33 -22.20
C GLY B 280 -4.43 -16.79 -21.10
N MET B 281 -5.16 -15.83 -20.51
CA MET B 281 -6.11 -16.13 -19.45
C MET B 281 -7.52 -16.42 -19.94
N ASN B 282 -7.89 -15.88 -21.10
CA ASN B 282 -9.23 -16.06 -21.66
C ASN B 282 -10.32 -15.50 -20.75
N GLY B 283 -10.24 -14.19 -20.50
CA GLY B 283 -11.24 -13.49 -19.72
C GLY B 283 -11.27 -13.80 -18.24
N ARG B 284 -10.48 -14.78 -17.78
CA ARG B 284 -10.37 -15.10 -16.37
C ARG B 284 -9.31 -14.24 -15.70
N THR B 285 -9.41 -14.13 -14.39
CA THR B 285 -8.43 -13.42 -13.59
C THR B 285 -7.80 -14.38 -12.59
N ILE B 286 -6.62 -13.99 -12.11
CA ILE B 286 -5.93 -14.69 -11.05
C ILE B 286 -5.72 -13.66 -9.95
N LEU B 287 -6.27 -13.92 -8.76
CA LEU B 287 -6.12 -13.01 -7.63
C LEU B 287 -6.54 -11.59 -8.02
N GLY B 288 -7.61 -11.51 -8.81
CA GLY B 288 -8.18 -10.25 -9.20
C GLY B 288 -7.52 -9.55 -10.38
N SER B 289 -6.46 -10.12 -10.94
CA SER B 289 -5.69 -9.46 -11.99
C SER B 289 -5.92 -10.14 -13.33
N ALA B 290 -5.98 -9.34 -14.41
CA ALA B 290 -6.06 -9.86 -15.76
C ALA B 290 -4.70 -9.92 -16.45
N LEU B 291 -3.63 -9.62 -15.72
CA LEU B 291 -2.27 -9.73 -16.21
C LEU B 291 -1.51 -10.61 -15.24
N LEU B 292 -0.41 -11.20 -15.73
CA LEU B 292 0.47 -11.97 -14.87
C LEU B 292 1.35 -10.99 -14.10
N GLU B 293 1.22 -11.00 -12.79
CA GLU B 293 1.83 -9.99 -11.92
C GLU B 293 3.26 -10.40 -11.56
N ASP B 294 4.20 -9.46 -11.71
CA ASP B 294 5.62 -9.76 -11.44
C ASP B 294 6.22 -8.90 -10.34
N GLU B 295 5.42 -8.23 -9.50
CA GLU B 295 5.97 -7.36 -8.47
C GLU B 295 5.85 -7.93 -7.06
N PHE B 296 5.69 -9.24 -6.91
CA PHE B 296 5.75 -9.91 -5.61
C PHE B 296 6.90 -10.90 -5.61
N THR B 297 7.79 -10.78 -4.64
CA THR B 297 8.86 -11.76 -4.49
C THR B 297 8.36 -13.00 -3.78
N PRO B 298 9.11 -14.11 -3.85
CA PRO B 298 8.76 -15.27 -3.03
C PRO B 298 8.60 -14.94 -1.56
N PHE B 299 9.46 -14.10 -0.99
CA PHE B 299 9.34 -13.80 0.43
C PHE B 299 8.13 -12.92 0.72
N ASP B 300 7.77 -12.03 -0.20
CA ASP B 300 6.53 -11.27 -0.05
C ASP B 300 5.35 -12.21 0.15
N VAL B 301 5.31 -13.30 -0.60
CA VAL B 301 4.24 -14.28 -0.44
C VAL B 301 4.30 -14.93 0.93
N VAL B 302 5.48 -15.40 1.33
CA VAL B 302 5.61 -16.08 2.62
C VAL B 302 5.27 -15.13 3.76
N ARG B 303 5.74 -13.88 3.67
CA ARG B 303 5.47 -12.90 4.72
C ARG B 303 3.96 -12.68 4.89
N GLN B 304 3.23 -12.65 3.78
CA GLN B 304 1.79 -12.40 3.85
C GLN B 304 1.03 -13.62 4.36
N CYS B 305 1.38 -14.81 3.89
CA CYS B 305 0.63 -16.01 4.23
C CYS B 305 1.04 -16.65 5.54
N SER B 306 1.85 -15.98 6.35
CA SER B 306 2.31 -16.55 7.61
C SER B 306 2.12 -15.61 8.80
#